data_3MOJ
#
_entry.id   3MOJ
#
_cell.length_a   45.010
_cell.length_b   91.63
_cell.length_c   115.28
_cell.angle_alpha   90.00
_cell.angle_beta   90.00
_cell.angle_gamma   90.00
#
_symmetry.space_group_name_H-M   'P 21 21 21'
#
loop_
_entity.id
_entity.type
_entity.pdbx_description
1 polymer 'RNA (69-MER)'
2 polymer 'ATP-dependent RNA helicase dbpA'
#
loop_
_entity_poly.entity_id
_entity_poly.type
_entity_poly.pdbx_seq_one_letter_code
_entity_poly.pdbx_strand_id
1 'polyribonucleotide' GGCUCAUCACAUCCUGGGGCUGGAAACGGUCCCAAGGGUAUGGCUGUUCGCCAUUUAAAGUGGUACGCGAGCUA A
2 'polypeptide(L)' MKLYFNGGKKKKIRAVDFVGTIAKIDGVSADDIGIITIMDNASYVEILNGKGPHVLKVMKNTTVKGKQLKVNKANK B
#
loop_
_chem_comp.id
_chem_comp.type
_chem_comp.name
_chem_comp.formula
A RNA linking ADENOSINE-5'-MONOPHOSPHATE 'C10 H14 N5 O7 P'
C RNA linking CYTIDINE-5'-MONOPHOSPHATE 'C9 H14 N3 O8 P'
G RNA linking GUANOSINE-5'-MONOPHOSPHATE 'C10 H14 N5 O8 P'
U RNA linking URIDINE-5'-MONOPHOSPHATE 'C9 H13 N2 O9 P'
#
# COMPACT_ATOMS: atom_id res chain seq x y z
N MET B 1 -8.45 -7.01 -0.06
CA MET B 1 -8.76 -6.49 1.26
C MET B 1 -8.16 -5.10 1.41
N LYS B 2 -8.76 -4.30 2.30
CA LYS B 2 -8.28 -2.95 2.54
C LYS B 2 -7.12 -2.96 3.52
N LEU B 3 -6.04 -2.27 3.14
CA LEU B 3 -4.84 -2.22 3.97
C LEU B 3 -4.62 -0.82 4.55
N TYR B 4 -4.08 -0.79 5.75
CA TYR B 4 -3.71 0.46 6.41
C TYR B 4 -2.20 0.69 6.36
N PHE B 5 -1.80 1.93 6.15
CA PHE B 5 -0.39 2.31 6.23
C PHE B 5 -0.24 3.52 7.14
N ASN B 6 0.71 3.47 8.06
CA ASN B 6 0.97 4.61 8.92
C ASN B 6 1.67 5.73 8.15
N GLY B 7 1.24 5.93 6.90
CA GLY B 7 1.81 6.95 6.05
C GLY B 7 0.71 7.70 5.33
N GLY B 8 0.96 8.98 5.08
CA GLY B 8 -0.04 9.82 4.44
C GLY B 8 0.52 11.20 4.14
N LYS B 9 -0.38 12.13 3.86
CA LYS B 9 0.02 13.47 3.46
C LYS B 9 1.20 14.00 4.28
N LYS B 10 1.17 13.79 5.59
CA LYS B 10 2.17 14.39 6.47
C LYS B 10 3.53 13.72 6.44
N LYS B 11 3.60 12.57 5.76
CA LYS B 11 4.90 11.98 5.44
C LYS B 11 5.14 12.14 3.94
N LYS B 12 4.31 12.96 3.31
CA LYS B 12 4.44 13.30 1.90
C LYS B 12 4.22 12.11 0.97
N ILE B 13 3.41 11.17 1.44
CA ILE B 13 3.00 10.02 0.62
C ILE B 13 1.89 10.45 -0.33
N ARG B 14 1.84 9.82 -1.50
CA ARG B 14 0.83 10.11 -2.50
C ARG B 14 0.36 8.81 -3.14
N ALA B 15 -0.79 8.86 -3.80
CA ALA B 15 -1.37 7.64 -4.37
C ALA B 15 -0.36 6.88 -5.22
N VAL B 16 0.49 7.62 -5.90
CA VAL B 16 1.47 7.05 -6.81
C VAL B 16 2.53 6.23 -6.09
N ASP B 17 3.15 6.81 -5.07
CA ASP B 17 4.19 6.13 -4.30
C ASP B 17 3.78 4.69 -3.96
N PHE B 18 2.49 4.49 -3.73
CA PHE B 18 1.97 3.15 -3.55
C PHE B 18 1.94 2.44 -4.89
N VAL B 19 1.04 2.88 -5.76
CA VAL B 19 0.85 2.30 -7.08
C VAL B 19 2.17 1.83 -7.68
N GLY B 20 3.15 2.74 -7.71
CA GLY B 20 4.46 2.42 -8.25
C GLY B 20 5.20 1.35 -7.44
N THR B 21 5.20 1.50 -6.13
CA THR B 21 5.99 0.62 -5.28
C THR B 21 5.43 -0.80 -5.24
N ILE B 22 4.14 -0.94 -5.51
CA ILE B 22 3.48 -2.23 -5.40
C ILE B 22 3.53 -3.04 -6.69
N ALA B 23 3.15 -2.38 -7.78
CA ALA B 23 3.14 -3.02 -9.09
C ALA B 23 4.45 -3.74 -9.36
N LYS B 24 5.55 -3.11 -8.95
CA LYS B 24 6.88 -3.70 -9.13
C LYS B 24 7.15 -4.87 -8.18
N ILE B 25 6.20 -5.79 -8.09
CA ILE B 25 6.43 -7.02 -7.35
C ILE B 25 5.98 -8.24 -8.17
N ASP B 26 6.91 -9.14 -8.43
CA ASP B 26 6.63 -10.34 -9.20
C ASP B 26 5.42 -11.06 -8.64
N GLY B 27 4.27 -10.84 -9.27
CA GLY B 27 3.06 -11.52 -8.88
C GLY B 27 1.87 -10.58 -8.90
N VAL B 28 2.15 -9.28 -8.93
CA VAL B 28 1.09 -8.30 -8.80
C VAL B 28 1.10 -7.26 -9.92
N SER B 29 -0.08 -7.02 -10.49
CA SER B 29 -0.24 -6.03 -11.55
C SER B 29 -0.96 -4.81 -10.99
N ALA B 30 -0.82 -3.69 -11.69
CA ALA B 30 -1.45 -2.44 -11.27
C ALA B 30 -2.98 -2.47 -11.30
N ASP B 31 -3.53 -3.53 -11.91
CA ASP B 31 -4.99 -3.65 -12.04
C ASP B 31 -5.56 -4.24 -10.79
N ASP B 32 -4.68 -4.74 -9.92
CA ASP B 32 -5.06 -5.38 -8.68
C ASP B 32 -5.27 -4.38 -7.54
N ILE B 33 -4.85 -3.15 -7.77
CA ILE B 33 -4.97 -2.09 -6.79
C ILE B 33 -6.27 -1.33 -6.93
N GLY B 34 -7.12 -1.43 -5.92
CA GLY B 34 -8.41 -0.77 -5.95
C GLY B 34 -8.26 0.68 -5.52
N ILE B 35 -9.24 1.17 -4.76
CA ILE B 35 -9.20 2.53 -4.29
C ILE B 35 -8.05 2.77 -3.33
N ILE B 36 -7.42 3.93 -3.46
CA ILE B 36 -6.41 4.38 -2.54
C ILE B 36 -6.89 5.70 -1.94
N THR B 37 -6.74 5.83 -0.63
CA THR B 37 -7.27 6.99 0.07
C THR B 37 -6.22 7.58 0.98
N ILE B 38 -5.53 8.59 0.50
CA ILE B 38 -4.49 9.23 1.33
C ILE B 38 -5.13 10.13 2.39
N MET B 39 -4.54 10.13 3.57
CA MET B 39 -5.06 10.94 4.66
C MET B 39 -3.89 11.58 5.38
N ASP B 40 -4.15 12.10 6.57
CA ASP B 40 -3.16 12.85 7.31
C ASP B 40 -1.95 12.00 7.72
N ASN B 41 -2.21 10.85 8.34
CA ASN B 41 -1.13 9.97 8.76
C ASN B 41 -1.36 8.52 8.37
N ALA B 42 -2.46 8.27 7.67
CA ALA B 42 -2.80 6.92 7.27
C ALA B 42 -3.29 6.89 5.84
N SER B 43 -2.90 5.85 5.11
CA SER B 43 -3.41 5.61 3.78
C SER B 43 -4.20 4.32 3.78
N TYR B 44 -5.37 4.34 3.16
CA TYR B 44 -6.10 3.13 2.88
C TYR B 44 -5.81 2.73 1.43
N VAL B 45 -5.45 1.48 1.22
CA VAL B 45 -5.28 0.99 -0.14
C VAL B 45 -5.84 -0.41 -0.33
N GLU B 46 -6.76 -0.52 -1.27
CA GLU B 46 -7.52 -1.75 -1.45
C GLU B 46 -6.80 -2.69 -2.42
N ILE B 47 -6.78 -3.97 -2.10
CA ILE B 47 -6.22 -4.95 -3.02
C ILE B 47 -7.34 -5.82 -3.56
N LEU B 48 -7.29 -6.09 -4.86
CA LEU B 48 -8.32 -6.89 -5.50
C LEU B 48 -7.82 -8.29 -5.85
N ASN B 49 -8.75 -9.20 -6.15
CA ASN B 49 -8.39 -10.51 -6.66
C ASN B 49 -7.74 -11.41 -5.61
N GLY B 50 -8.10 -11.20 -4.35
CA GLY B 50 -7.61 -12.01 -3.25
C GLY B 50 -6.10 -11.97 -3.06
N LYS B 51 -5.42 -11.08 -3.80
CA LYS B 51 -3.98 -10.94 -3.67
C LYS B 51 -3.63 -10.05 -2.48
N GLY B 52 -4.60 -9.85 -1.59
CA GLY B 52 -4.38 -9.05 -0.40
C GLY B 52 -3.23 -9.57 0.44
N PRO B 53 -3.49 -10.67 1.18
CA PRO B 53 -2.56 -11.22 2.17
C PRO B 53 -1.15 -11.30 1.62
N HIS B 54 -1.02 -11.74 0.37
CA HIS B 54 0.31 -11.86 -0.17
C HIS B 54 1.04 -10.52 -0.06
N VAL B 55 0.56 -9.53 -0.81
CA VAL B 55 1.09 -8.18 -0.75
C VAL B 55 1.43 -7.75 0.66
N LEU B 56 0.44 -7.86 1.55
CA LEU B 56 0.61 -7.50 2.94
C LEU B 56 1.88 -8.12 3.53
N LYS B 57 2.02 -9.43 3.37
CA LYS B 57 3.18 -10.13 3.93
C LYS B 57 4.41 -10.01 3.03
N VAL B 58 4.62 -8.82 2.48
CA VAL B 58 5.71 -8.54 1.56
C VAL B 58 6.01 -7.06 1.64
N MET B 59 4.98 -6.31 2.01
CA MET B 59 5.08 -4.88 2.21
C MET B 59 5.70 -4.61 3.57
N LYS B 60 5.53 -5.57 4.48
CA LYS B 60 6.05 -5.51 5.85
C LYS B 60 7.40 -4.81 5.94
N ASN B 61 8.24 -5.05 4.93
CA ASN B 61 9.57 -4.44 4.88
C ASN B 61 10.02 -4.07 3.48
N THR B 62 9.43 -3.01 2.94
CA THR B 62 9.80 -2.49 1.63
C THR B 62 9.71 -0.97 1.58
N THR B 63 10.79 -0.34 1.12
CA THR B 63 10.87 1.11 1.09
C THR B 63 9.83 1.71 0.15
N VAL B 64 8.79 2.28 0.72
CA VAL B 64 7.83 3.06 -0.06
C VAL B 64 8.17 4.54 0.07
N LYS B 65 8.56 5.16 -1.04
CA LYS B 65 8.98 6.56 -1.00
C LYS B 65 10.21 6.66 -0.12
N GLY B 66 10.91 5.54 0.03
CA GLY B 66 12.12 5.48 0.82
C GLY B 66 11.86 5.56 2.31
N LYS B 67 10.87 4.80 2.78
CA LYS B 67 10.54 4.78 4.19
C LYS B 67 9.60 3.62 4.55
N GLN B 68 10.17 2.52 5.04
CA GLN B 68 9.34 1.39 5.47
C GLN B 68 8.35 1.87 6.51
N LEU B 69 7.18 1.24 6.54
CA LEU B 69 6.10 1.73 7.38
C LEU B 69 5.19 0.62 7.88
N LYS B 70 4.41 0.94 8.91
CA LYS B 70 3.41 0.03 9.44
C LYS B 70 2.41 -0.28 8.34
N VAL B 71 2.20 -1.57 8.07
CA VAL B 71 1.14 -1.98 7.16
C VAL B 71 0.37 -3.11 7.80
N ASN B 72 -0.94 -3.14 7.59
CA ASN B 72 -1.75 -4.32 7.87
C ASN B 72 -3.24 -4.08 7.75
N LYS B 73 -3.99 -5.17 7.74
CA LYS B 73 -5.43 -5.14 7.52
C LYS B 73 -6.09 -3.93 8.18
N ALA B 74 -6.82 -3.16 7.37
CA ALA B 74 -7.55 -2.00 7.86
C ALA B 74 -8.51 -2.35 9.00
N ASN B 75 -8.20 -1.84 10.20
CA ASN B 75 -9.01 -2.00 11.42
C ASN B 75 -8.17 -2.03 12.70
#